data_7AL1
#
_entry.id   7AL1
#
_cell.length_a   53.053
_cell.length_b   53.053
_cell.length_c   53.912
_cell.angle_alpha   90.000
_cell.angle_beta   90.000
_cell.angle_gamma   120.000
#
_symmetry.space_group_name_H-M   'P 31 2 1'
#
loop_
_entity.id
_entity.type
_entity.pdbx_description
1 polymer 'Cell division protein SepF'
2 non-polymer 2-AMINO-2-HYDROXYMETHYL-PROPANE-1,3-DIOL
3 water water
#
_entity_poly.entity_id   1
_entity_poly.type   'polypeptide(L)'
_entity_poly.pdbx_seq_one_letter_code
;DDVSISPEQSFYEIMLIRPKTIDDINYVVDQVLEESNPVILDLSFLEKESPANFKLAGEKIKQMRSNYGAEALLLSRCND
KNLIIIAPKGVSLVRK
;
_entity_poly.pdbx_strand_id   A
#
# COMPACT_ATOMS: atom_id res chain seq x y z
N TYR A 12 1.30 -10.60 14.25
CA TYR A 12 0.00 -10.04 13.91
C TYR A 12 -0.52 -10.64 12.59
N GLU A 13 -0.96 -9.77 11.70
CA GLU A 13 -1.41 -10.21 10.38
C GLU A 13 -0.75 -9.36 9.32
N ILE A 14 -0.37 -9.99 8.21
CA ILE A 14 0.07 -9.30 7.02
C ILE A 14 -1.01 -9.46 5.97
N MET A 15 -1.52 -8.35 5.46
CA MET A 15 -2.65 -8.39 4.55
C MET A 15 -2.15 -8.32 3.13
N LEU A 16 -2.80 -9.07 2.24
CA LEU A 16 -2.51 -9.03 0.82
C LEU A 16 -3.76 -8.56 0.12
N ILE A 17 -3.64 -7.49 -0.66
CA ILE A 17 -4.81 -6.98 -1.33
CA ILE A 17 -4.80 -6.80 -1.23
C ILE A 17 -4.43 -6.30 -2.63
N ARG A 18 -5.32 -6.50 -3.60
CA ARG A 18 -5.23 -5.98 -4.96
C ARG A 18 -6.43 -5.05 -5.16
N PRO A 19 -6.31 -3.76 -4.80
CA PRO A 19 -7.52 -2.92 -4.80
C PRO A 19 -8.08 -2.71 -6.19
N LYS A 20 -9.40 -2.63 -6.26
CA LYS A 20 -10.11 -2.31 -7.50
C LYS A 20 -10.90 -1.03 -7.44
N THR A 21 -11.11 -0.45 -6.26
CA THR A 21 -11.93 0.74 -6.07
C THR A 21 -11.25 1.67 -5.09
N ILE A 22 -11.76 2.90 -5.01
CA ILE A 22 -11.26 3.85 -4.00
C ILE A 22 -11.53 3.33 -2.60
N ASP A 23 -12.69 2.69 -2.39
CA ASP A 23 -12.97 2.16 -1.06
C ASP A 23 -11.94 1.11 -0.68
N ASP A 24 -11.47 0.31 -1.65
CA ASP A 24 -10.46 -0.68 -1.32
C ASP A 24 -9.16 0.02 -0.88
N ILE A 25 -8.84 1.14 -1.53
CA ILE A 25 -7.69 1.91 -1.10
C ILE A 25 -7.84 2.35 0.34
N ASN A 26 -9.02 2.87 0.69
CA ASN A 26 -9.23 3.38 2.03
C ASN A 26 -9.23 2.23 3.03
N TYR A 27 -9.60 1.03 2.60
CA TYR A 27 -9.43 -0.11 3.48
C TYR A 27 -7.97 -0.42 3.75
N VAL A 28 -7.13 -0.35 2.71
CA VAL A 28 -5.69 -0.52 2.89
C VAL A 28 -5.18 0.46 3.93
N VAL A 29 -5.57 1.73 3.81
CA VAL A 29 -5.13 2.75 4.76
C VAL A 29 -5.53 2.37 6.16
N ASP A 30 -6.79 1.94 6.32
CA ASP A 30 -7.26 1.60 7.65
C ASP A 30 -6.48 0.41 8.24
N GLN A 31 -6.11 -0.55 7.40
CA GLN A 31 -5.34 -1.70 7.88
C GLN A 31 -4.00 -1.26 8.44
N VAL A 32 -3.30 -0.39 7.71
CA VAL A 32 -2.00 0.08 8.15
C VAL A 32 -2.13 0.98 9.37
N LEU A 33 -3.05 1.95 9.32
CA LEU A 33 -3.09 3.02 10.33
C LEU A 33 -3.88 2.62 11.56
N GLU A 34 -5.02 1.96 11.37
CA GLU A 34 -5.86 1.61 12.52
C GLU A 34 -5.55 0.24 13.09
N GLU A 35 -5.22 -0.72 12.24
CA GLU A 35 -4.92 -2.06 12.72
C GLU A 35 -3.43 -2.33 12.88
N SER A 36 -2.56 -1.46 12.37
CA SER A 36 -1.12 -1.66 12.42
C SER A 36 -0.72 -2.98 11.78
N ASN A 37 -1.35 -3.29 10.65
CA ASN A 37 -0.99 -4.48 9.88
C ASN A 37 -0.21 -4.09 8.64
N PRO A 38 0.94 -4.68 8.37
CA PRO A 38 1.57 -4.49 7.06
C PRO A 38 0.64 -4.95 5.95
N VAL A 39 0.77 -4.32 4.79
CA VAL A 39 -0.03 -4.66 3.62
C VAL A 39 0.90 -4.87 2.45
N ILE A 40 0.81 -6.03 1.82
CA ILE A 40 1.43 -6.26 0.51
C ILE A 40 0.38 -5.89 -0.53
N LEU A 41 0.58 -4.76 -1.18
CA LEU A 41 -0.40 -4.11 -2.02
C LEU A 41 -0.03 -4.38 -3.48
N ASP A 42 -0.99 -4.84 -4.28
CA ASP A 42 -0.81 -5.03 -5.71
C ASP A 42 -1.62 -3.95 -6.43
N LEU A 43 -0.94 -2.95 -6.99
CA LEU A 43 -1.59 -1.83 -7.65
C LEU A 43 -1.86 -2.05 -9.13
N SER A 44 -1.68 -3.26 -9.63
CA SER A 44 -1.74 -3.49 -11.06
C SER A 44 -3.13 -3.27 -11.64
N PHE A 45 -4.18 -3.60 -10.90
CA PHE A 45 -5.51 -3.39 -11.47
C PHE A 45 -5.78 -1.90 -11.62
N LEU A 46 -5.50 -1.12 -10.57
CA LEU A 46 -5.68 0.32 -10.67
C LEU A 46 -4.82 0.89 -11.79
N GLU A 47 -3.56 0.44 -11.89
CA GLU A 47 -2.65 1.04 -12.87
C GLU A 47 -3.19 0.85 -14.27
N LYS A 48 -3.75 -0.33 -14.55
CA LYS A 48 -4.27 -0.65 -15.89
C LYS A 48 -5.61 0.01 -16.13
N GLU A 49 -6.53 -0.07 -15.15
CA GLU A 49 -7.91 0.25 -15.42
C GLU A 49 -8.34 1.66 -15.00
N SER A 50 -7.64 2.30 -14.08
CA SER A 50 -8.04 3.64 -13.63
C SER A 50 -6.82 4.46 -13.24
N PRO A 51 -6.19 5.13 -14.21
CA PRO A 51 -5.07 6.04 -13.89
C PRO A 51 -5.40 6.99 -12.74
N ALA A 52 -6.64 7.47 -12.66
CA ALA A 52 -6.96 8.43 -11.62
C ALA A 52 -6.91 7.78 -10.25
N ASN A 53 -7.48 6.57 -10.12
CA ASN A 53 -7.44 5.89 -8.85
C ASN A 53 -6.03 5.36 -8.54
N PHE A 54 -5.28 4.98 -9.56
CA PHE A 54 -3.87 4.67 -9.36
C PHE A 54 -3.16 5.87 -8.75
N LYS A 55 -3.41 7.08 -9.30
CA LYS A 55 -2.75 8.24 -8.74
C LYS A 55 -3.19 8.50 -7.30
N LEU A 56 -4.48 8.37 -7.01
CA LEU A 56 -4.98 8.55 -5.65
C LEU A 56 -4.31 7.58 -4.68
N ALA A 57 -4.18 6.31 -5.09
CA ALA A 57 -3.48 5.37 -4.22
C ALA A 57 -2.08 5.85 -3.90
N GLY A 58 -1.37 6.38 -4.90
CA GLY A 58 -0.05 6.91 -4.65
C GLY A 58 -0.07 8.08 -3.68
N GLU A 59 -1.11 8.92 -3.77
CA GLU A 59 -1.21 10.04 -2.85
C GLU A 59 -1.48 9.57 -1.43
N LYS A 60 -2.29 8.51 -1.28
CA LYS A 60 -2.56 8.00 0.07
C LYS A 60 -1.32 7.33 0.65
N ILE A 61 -0.54 6.64 -0.19
CA ILE A 61 0.72 6.08 0.29
C ILE A 61 1.65 7.19 0.77
N LYS A 62 1.72 8.29 0.00
CA LYS A 62 2.54 9.43 0.40
CA LYS A 62 2.53 9.44 0.40
C LYS A 62 2.10 9.95 1.77
N GLN A 63 0.79 10.07 1.98
CA GLN A 63 0.27 10.57 3.24
C GLN A 63 0.61 9.63 4.39
N MET A 64 0.54 8.31 4.15
CA MET A 64 0.86 7.39 5.24
C MET A 64 2.34 7.49 5.64
N ARG A 65 3.23 7.66 4.65
CA ARG A 65 4.64 7.80 4.94
C ARG A 65 4.91 9.11 5.67
N SER A 66 4.34 10.20 5.17
CA SER A 66 4.70 11.54 5.66
CA SER A 66 4.72 11.52 5.67
C SER A 66 4.11 11.81 7.02
N ASN A 67 2.85 11.38 7.24
CA ASN A 67 2.11 11.80 8.42
C ASN A 67 1.90 10.71 9.47
N TYR A 68 2.16 9.44 9.13
CA TYR A 68 1.93 8.35 10.09
C TYR A 68 3.15 7.49 10.31
N GLY A 69 4.29 7.81 9.70
CA GLY A 69 5.50 7.07 9.96
C GLY A 69 5.54 5.72 9.29
N ALA A 70 4.68 5.48 8.32
CA ALA A 70 4.73 4.20 7.63
C ALA A 70 5.90 4.17 6.64
N GLU A 71 6.35 2.96 6.33
CA GLU A 71 7.30 2.72 5.25
C GLU A 71 6.56 2.13 4.04
N ALA A 72 7.05 2.40 2.84
CA ALA A 72 6.45 1.82 1.64
C ALA A 72 7.57 1.50 0.69
N LEU A 73 7.79 0.22 0.40
CA LEU A 73 8.93 -0.26 -0.36
C LEU A 73 8.44 -1.03 -1.57
N LEU A 74 8.88 -0.63 -2.74
CA LEU A 74 8.56 -1.34 -3.94
C LEU A 74 9.20 -2.73 -3.89
N LEU A 75 8.43 -3.76 -4.20
CA LEU A 75 8.94 -5.13 -4.27
C LEU A 75 9.20 -5.58 -5.70
N SER A 76 8.20 -5.47 -6.57
CA SER A 76 8.31 -5.95 -7.95
C SER A 76 7.18 -5.34 -8.79
N ARG A 77 7.54 -4.74 -9.92
CA ARG A 77 6.54 -4.29 -10.89
C ARG A 77 6.91 -4.97 -12.19
N CYS A 78 6.13 -5.98 -12.57
CA CYS A 78 6.51 -6.96 -13.58
C CYS A 78 5.28 -7.79 -13.93
N ASN A 79 5.04 -8.02 -15.22
CA ASN A 79 4.13 -9.08 -15.63
C ASN A 79 2.81 -9.08 -14.83
N ASP A 80 2.05 -8.02 -14.98
CA ASP A 80 0.68 -7.93 -14.41
C ASP A 80 0.62 -7.78 -12.89
N LYS A 81 1.73 -7.46 -12.23
CA LYS A 81 1.74 -7.19 -10.81
C LYS A 81 2.53 -5.91 -10.56
N ASN A 82 2.09 -5.15 -9.57
CA ASN A 82 2.81 -3.94 -9.14
C ASN A 82 2.76 -3.98 -7.62
N LEU A 83 3.76 -4.65 -7.01
CA LEU A 83 3.70 -5.05 -5.60
C LEU A 83 4.55 -4.11 -4.76
N ILE A 84 3.92 -3.56 -3.74
CA ILE A 84 4.55 -2.68 -2.75
C ILE A 84 4.22 -3.22 -1.36
N ILE A 85 5.18 -3.21 -0.44
CA ILE A 85 4.86 -3.47 0.96
C ILE A 85 4.79 -2.18 1.74
N ILE A 86 3.69 -1.97 2.44
N ILE A 86 3.67 -1.97 2.41
CA ILE A 86 3.52 -0.85 3.34
CA ILE A 86 3.50 -0.87 3.34
C ILE A 86 3.60 -1.39 4.76
C ILE A 86 3.64 -1.45 4.74
N ALA A 87 4.55 -0.89 5.54
CA ALA A 87 4.74 -1.35 6.90
C ALA A 87 4.37 -0.23 7.86
N PRO A 88 3.52 -0.50 8.84
CA PRO A 88 3.18 0.52 9.83
C PRO A 88 4.35 0.82 10.73
N LYS A 89 4.37 2.02 11.29
CA LYS A 89 5.32 2.29 12.36
C LYS A 89 5.17 1.20 13.42
N GLY A 90 6.29 0.60 13.82
CA GLY A 90 6.29 -0.50 14.75
C GLY A 90 6.62 -1.85 14.14
N VAL A 91 6.54 -1.96 12.82
CA VAL A 91 7.02 -3.12 12.08
C VAL A 91 8.08 -2.60 11.11
N SER A 92 9.36 -2.85 11.42
CA SER A 92 10.45 -2.34 10.61
C SER A 92 10.78 -3.29 9.47
N LEU A 93 10.99 -2.75 8.27
CA LEU A 93 11.58 -3.49 7.17
C LEU A 93 13.09 -3.45 7.36
N VAL A 94 13.74 -4.60 7.16
CA VAL A 94 15.17 -4.74 7.38
C VAL A 94 15.73 -5.50 6.22
N ARG A 95 16.61 -4.89 5.45
CA ARG A 95 17.15 -5.55 4.28
C ARG A 95 18.58 -5.98 4.54
N LYS A 96 18.85 -7.26 4.30
CA LYS A 96 20.16 -7.83 4.46
C LYS A 96 20.79 -8.01 3.10
#